data_9P0P
#
_entry.id   9P0P
#
_cell.length_a   45.319
_cell.length_b   58.612
_cell.length_c   115.945
_cell.angle_alpha   90.000
_cell.angle_beta   90.000
_cell.angle_gamma   90.000
#
_symmetry.space_group_name_H-M   'P 21 21 21'
#
loop_
_entity.id
_entity.type
_entity.pdbx_description
1 polymer 'Ribosomal RNA large subunit methyltransferase Cfr'
2 water water
#
_entity_poly.entity_id   1
_entity_poly.type   'polypeptide(L)'
_entity_poly.pdbx_seq_one_letter_code
;MKFGNKTKYGKIQEWLRSNNEPDYRMKQITNAIFKQRITRFEDMTNLPKQLREDLINNFGETVLNIKILAEQNSEQVTKV
LFEVSDGERVETVIMKYKAGWESFCISSQCGCNFGCKFCATGDIGLKKNLTVDEITDQVLYFHLLGHQIDSISFMGMGEA
LANRQVFDALDVFTDPNLFALSPRRLSISTIGIIPSIKKLTQEYPQVNLTFSLHSPYSEERSKLMPINDRYPIDEVMNIL
DEYIRKTSRKVYIAYIMLPGVNDSLEHAKEVVSLLKSRYKSGKLYHVNLIRYNPTISAPEMYGEANEGQVEAFYKVLKSA
GINVTIRSQFGIDIDAACGQLYGNYQNSQ
;
_entity_poly.pdbx_strand_id   A
#
# COMPACT_ATOMS: atom_id res chain seq x y z
N MET A 1 -22.34 -8.35 5.07
CA MET A 1 -22.33 -7.26 4.11
C MET A 1 -22.52 -5.90 4.78
N LYS A 2 -21.41 -5.27 5.16
CA LYS A 2 -21.41 -3.93 5.75
C LYS A 2 -20.15 -3.24 5.24
N PHE A 3 -20.31 -2.38 4.23
CA PHE A 3 -19.19 -1.94 3.42
C PHE A 3 -18.55 -0.64 3.89
N GLY A 4 -18.95 -0.11 5.04
CA GLY A 4 -18.34 1.11 5.52
C GLY A 4 -18.98 2.36 4.97
N ASN A 5 -19.22 3.35 5.83
CA ASN A 5 -20.00 4.54 5.49
C ASN A 5 -19.19 5.63 4.80
N LYS A 6 -18.05 5.30 4.18
CA LYS A 6 -17.29 6.28 3.43
C LYS A 6 -16.83 5.77 2.07
N THR A 7 -16.99 4.49 1.79
CA THR A 7 -16.69 3.94 0.49
C THR A 7 -17.94 3.96 -0.37
N LYS A 8 -17.72 3.90 -1.68
CA LYS A 8 -18.86 3.96 -2.58
C LYS A 8 -19.71 2.71 -2.49
N TYR A 9 -19.12 1.57 -2.08
CA TYR A 9 -19.87 0.33 -1.98
C TYR A 9 -20.85 0.38 -0.80
N GLY A 10 -20.58 1.22 0.19
CA GLY A 10 -21.48 1.38 1.31
C GLY A 10 -22.65 2.28 0.97
N LYS A 11 -22.39 3.38 0.25
CA LYS A 11 -23.45 4.29 -0.13
C LYS A 11 -24.49 3.60 -1.00
N ILE A 12 -24.04 2.79 -1.95
CA ILE A 12 -24.97 2.06 -2.81
C ILE A 12 -25.79 1.09 -1.99
N GLN A 13 -25.16 0.42 -1.01
CA GLN A 13 -25.85 -0.60 -0.24
C GLN A 13 -27.00 -0.02 0.56
N GLU A 14 -26.75 1.09 1.27
CA GLU A 14 -27.76 1.69 2.13
C GLU A 14 -28.54 2.80 1.43
N TRP A 15 -28.31 3.01 0.14
CA TRP A 15 -29.27 3.75 -0.68
C TRP A 15 -30.32 2.80 -1.25
N LEU A 16 -29.91 1.60 -1.64
CA LEU A 16 -30.88 0.57 -2.03
C LEU A 16 -31.75 0.17 -0.85
N ARG A 17 -31.16 0.14 0.36
CA ARG A 17 -31.94 -0.23 1.54
C ARG A 17 -32.96 0.86 1.90
N SER A 18 -32.64 2.13 1.62
CA SER A 18 -33.59 3.21 1.87
C SER A 18 -34.66 3.30 0.80
N ASN A 19 -34.41 2.74 -0.38
CA ASN A 19 -35.45 2.58 -1.40
C ASN A 19 -36.26 1.31 -1.20
N ASN A 20 -36.06 0.63 -0.06
CA ASN A 20 -36.76 -0.62 0.26
C ASN A 20 -36.49 -1.71 -0.77
N GLU A 21 -35.32 -1.66 -1.39
CA GLU A 21 -34.90 -2.77 -2.23
C GLU A 21 -34.29 -3.87 -1.36
N PRO A 22 -34.56 -5.14 -1.67
CA PRO A 22 -34.13 -6.24 -0.80
C PRO A 22 -32.61 -6.30 -0.66
N ASP A 23 -32.17 -7.16 0.26
CA ASP A 23 -30.76 -7.25 0.59
C ASP A 23 -29.94 -7.97 -0.47
N TYR A 24 -30.57 -8.82 -1.29
CA TYR A 24 -29.80 -9.54 -2.30
C TYR A 24 -29.41 -8.68 -3.48
N ARG A 25 -29.94 -7.46 -3.58
CA ARG A 25 -29.63 -6.61 -4.74
C ARG A 25 -28.20 -6.08 -4.69
N MET A 26 -27.64 -5.90 -3.49
CA MET A 26 -26.26 -5.45 -3.40
C MET A 26 -25.28 -6.56 -3.78
N LYS A 27 -25.64 -7.82 -3.48
CA LYS A 27 -24.77 -8.92 -3.86
C LYS A 27 -24.74 -9.11 -5.38
N GLN A 28 -25.86 -8.86 -6.05
CA GLN A 28 -25.87 -8.87 -7.51
C GLN A 28 -24.96 -7.79 -8.07
N ILE A 29 -24.86 -6.65 -7.38
CA ILE A 29 -24.01 -5.56 -7.85
C ILE A 29 -22.53 -5.93 -7.67
N THR A 30 -22.19 -6.46 -6.49
CA THR A 30 -20.79 -6.78 -6.21
C THR A 30 -20.29 -7.92 -7.09
N ASN A 31 -21.11 -8.95 -7.28
CA ASN A 31 -20.68 -10.08 -8.11
C ASN A 31 -20.51 -9.65 -9.57
N ALA A 32 -21.25 -8.64 -10.01
CA ALA A 32 -21.07 -8.16 -11.37
C ALA A 32 -19.77 -7.38 -11.52
N ILE A 33 -19.39 -6.64 -10.47
CA ILE A 33 -18.18 -5.82 -10.54
C ILE A 33 -16.93 -6.68 -10.44
N PHE A 34 -16.94 -7.67 -9.55
CA PHE A 34 -15.72 -8.41 -9.21
C PHE A 34 -15.65 -9.80 -9.80
N LYS A 35 -16.79 -10.48 -9.99
CA LYS A 35 -16.76 -11.81 -10.58
C LYS A 35 -17.09 -11.80 -12.07
N GLN A 36 -18.06 -10.98 -12.49
CA GLN A 36 -18.35 -10.82 -13.91
C GLN A 36 -17.53 -9.69 -14.54
N ARG A 37 -16.92 -8.83 -13.73
CA ARG A 37 -16.05 -7.75 -14.19
C ARG A 37 -16.78 -6.85 -15.20
N ILE A 38 -17.85 -6.24 -14.73
CA ILE A 38 -18.66 -5.33 -15.54
C ILE A 38 -18.52 -3.92 -14.96
N THR A 39 -18.27 -2.95 -15.84
CA THR A 39 -17.90 -1.60 -15.43
C THR A 39 -19.11 -0.71 -15.22
N ARG A 40 -20.15 -0.85 -16.03
CA ARG A 40 -21.28 0.07 -16.04
C ARG A 40 -22.53 -0.60 -15.48
N PHE A 41 -23.36 0.20 -14.81
CA PHE A 41 -24.59 -0.32 -14.21
C PHE A 41 -25.54 -0.88 -15.27
N GLU A 42 -25.46 -0.39 -16.50
CA GLU A 42 -26.44 -0.78 -17.51
C GLU A 42 -26.23 -2.22 -17.96
N ASP A 43 -24.99 -2.68 -18.02
CA ASP A 43 -24.72 -4.07 -18.41
C ASP A 43 -24.99 -5.04 -17.27
N MET A 44 -25.40 -4.56 -16.11
CA MET A 44 -25.83 -5.42 -15.00
C MET A 44 -27.32 -5.75 -15.19
N THR A 45 -27.57 -6.57 -16.20
CA THR A 45 -28.93 -6.83 -16.67
C THR A 45 -29.77 -7.61 -15.66
N ASN A 46 -29.13 -8.24 -14.66
CA ASN A 46 -29.88 -8.95 -13.64
C ASN A 46 -30.70 -8.01 -12.79
N LEU A 47 -30.33 -6.74 -12.73
CA LEU A 47 -31.12 -5.73 -12.03
C LEU A 47 -32.34 -5.37 -12.86
N PRO A 48 -33.36 -4.78 -12.24
CA PRO A 48 -34.43 -4.13 -13.02
C PRO A 48 -33.89 -2.93 -13.77
N LYS A 49 -34.67 -2.47 -14.75
CA LYS A 49 -34.17 -1.43 -15.64
C LYS A 49 -34.18 -0.05 -14.97
N GLN A 50 -35.31 0.37 -14.42
CA GLN A 50 -35.33 1.67 -13.76
C GLN A 50 -34.57 1.65 -12.45
N LEU A 51 -34.30 0.47 -11.90
CA LEU A 51 -33.33 0.37 -10.81
C LEU A 51 -31.92 0.64 -11.33
N ARG A 52 -31.61 0.12 -12.51
CA ARG A 52 -30.33 0.44 -13.14
C ARG A 52 -30.19 1.92 -13.41
N GLU A 53 -31.29 2.58 -13.78
CA GLU A 53 -31.25 4.01 -14.07
C GLU A 53 -31.32 4.85 -12.80
N ASP A 54 -32.06 4.39 -11.78
CA ASP A 54 -32.01 5.02 -10.47
C ASP A 54 -30.60 4.98 -9.90
N LEU A 55 -29.87 3.89 -10.15
CA LEU A 55 -28.48 3.80 -9.74
C LEU A 55 -27.58 4.67 -10.61
N ILE A 56 -27.96 4.87 -11.87
CA ILE A 56 -27.14 5.69 -12.76
C ILE A 56 -27.23 7.16 -12.37
N ASN A 57 -28.43 7.63 -12.02
CA ASN A 57 -28.61 9.03 -11.67
C ASN A 57 -27.83 9.38 -10.41
N ASN A 58 -27.95 8.55 -9.38
CA ASN A 58 -27.36 8.88 -8.09
C ASN A 58 -25.89 8.51 -7.97
N PHE A 59 -25.35 7.68 -8.87
CA PHE A 59 -23.98 7.22 -8.74
C PHE A 59 -23.18 7.30 -10.05
N GLY A 60 -23.73 7.92 -11.09
CA GLY A 60 -23.05 7.97 -12.37
C GLY A 60 -23.25 6.71 -13.18
N GLU A 61 -22.61 6.69 -14.35
CA GLU A 61 -22.80 5.58 -15.29
C GLU A 61 -22.00 4.35 -14.88
N THR A 62 -20.76 4.54 -14.49
CA THR A 62 -19.85 3.42 -14.20
C THR A 62 -19.65 3.29 -12.71
N VAL A 63 -18.97 2.20 -12.34
CA VAL A 63 -18.58 2.03 -10.96
C VAL A 63 -17.30 2.79 -10.65
N LEU A 64 -16.47 3.08 -11.67
CA LEU A 64 -15.21 3.81 -11.51
C LEU A 64 -15.45 5.31 -11.33
N ASN A 65 -14.69 5.91 -10.40
CA ASN A 65 -14.65 7.36 -10.24
C ASN A 65 -13.26 7.91 -10.52
N ILE A 66 -12.42 7.13 -11.19
CA ILE A 66 -11.15 7.58 -11.72
C ILE A 66 -11.23 7.47 -13.23
N LYS A 67 -10.28 8.11 -13.92
CA LYS A 67 -10.22 8.01 -15.38
C LYS A 67 -8.77 7.93 -15.83
N ILE A 68 -8.56 7.23 -16.94
CA ILE A 68 -7.25 6.65 -17.26
C ILE A 68 -6.25 7.73 -17.64
N LEU A 69 -6.68 8.73 -18.42
CA LEU A 69 -5.76 9.68 -19.03
C LEU A 69 -4.66 8.93 -19.77
N ALA A 70 -3.42 9.07 -19.30
CA ALA A 70 -2.28 8.44 -19.95
C ALA A 70 -2.00 7.07 -19.37
N GLU A 71 -1.67 6.12 -20.25
CA GLU A 71 -1.09 4.82 -19.91
C GLU A 71 0.29 4.82 -20.55
N GLN A 72 1.28 5.38 -19.83
CA GLN A 72 2.51 5.81 -20.50
C GLN A 72 3.23 4.65 -21.15
N ASN A 73 3.66 3.66 -20.39
CA ASN A 73 4.26 2.50 -21.04
C ASN A 73 4.33 1.29 -20.12
N SER A 74 4.69 0.15 -20.74
CA SER A 74 4.69 -1.18 -20.14
C SER A 74 6.06 -1.85 -20.26
N GLU A 75 6.03 -3.16 -20.53
CA GLU A 75 7.20 -4.03 -20.48
C GLU A 75 7.88 -3.95 -19.12
N GLN A 76 7.40 -4.78 -18.19
CA GLN A 76 7.95 -5.06 -16.86
C GLN A 76 7.57 -4.00 -15.82
N VAL A 77 7.27 -2.77 -16.24
CA VAL A 77 6.74 -1.75 -15.33
C VAL A 77 5.75 -0.87 -16.10
N THR A 78 4.48 -0.93 -15.73
CA THR A 78 3.41 -0.18 -16.40
C THR A 78 2.85 0.86 -15.44
N LYS A 79 3.25 2.11 -15.64
CA LYS A 79 2.74 3.22 -14.85
C LYS A 79 1.51 3.80 -15.53
N VAL A 80 0.60 4.34 -14.72
CA VAL A 80 -0.64 4.95 -15.19
C VAL A 80 -0.88 6.22 -14.38
N LEU A 81 -1.44 7.24 -15.03
CA LEU A 81 -1.76 8.51 -14.37
C LEU A 81 -3.26 8.76 -14.51
N PHE A 82 -3.99 8.63 -13.41
CA PHE A 82 -5.44 8.80 -13.40
C PHE A 82 -5.81 10.24 -13.05
N GLU A 83 -7.08 10.57 -13.28
CA GLU A 83 -7.64 11.87 -12.94
C GLU A 83 -8.79 11.68 -11.97
N VAL A 84 -8.77 12.42 -10.86
CA VAL A 84 -9.77 12.30 -9.81
C VAL A 84 -10.21 13.69 -9.35
N SER A 85 -11.43 13.77 -8.83
CA SER A 85 -11.96 14.94 -8.13
C SER A 85 -11.69 16.25 -8.83
N ASP A 86 -10.81 17.07 -8.25
CA ASP A 86 -10.57 18.44 -8.68
C ASP A 86 -9.51 18.49 -9.79
N GLY A 87 -9.76 17.72 -10.85
CA GLY A 87 -8.79 17.60 -11.91
C GLY A 87 -7.43 17.11 -11.44
N GLU A 88 -7.40 16.40 -10.32
CA GLU A 88 -6.15 15.96 -9.72
C GLU A 88 -5.57 14.78 -10.47
N ARG A 89 -4.25 14.78 -10.64
CA ARG A 89 -3.54 13.65 -11.21
C ARG A 89 -2.95 12.81 -10.10
N VAL A 90 -3.05 11.49 -10.25
CA VAL A 90 -2.41 10.55 -9.33
C VAL A 90 -1.81 9.42 -10.14
N GLU A 91 -0.66 8.92 -9.70
CA GLU A 91 0.13 7.97 -10.46
C GLU A 91 0.11 6.61 -9.77
N THR A 92 -0.12 5.56 -10.54
CA THR A 92 -0.10 4.19 -10.05
C THR A 92 0.86 3.38 -10.90
N VAL A 93 1.43 2.34 -10.31
CA VAL A 93 2.50 1.59 -10.94
C VAL A 93 2.15 0.11 -10.90
N ILE A 94 2.45 -0.60 -12.00
CA ILE A 94 2.24 -2.03 -12.12
C ILE A 94 3.61 -2.66 -12.38
N MET A 95 4.17 -3.33 -11.37
CA MET A 95 5.39 -4.11 -11.57
C MET A 95 4.99 -5.48 -12.07
N LYS A 96 4.91 -5.60 -13.40
CA LYS A 96 4.70 -6.91 -14.01
C LYS A 96 5.94 -7.75 -13.86
N TYR A 97 6.03 -8.49 -12.75
CA TYR A 97 7.11 -9.46 -12.60
C TYR A 97 7.11 -10.41 -13.79
N LYS A 98 8.31 -10.78 -14.24
CA LYS A 98 8.40 -11.53 -15.49
C LYS A 98 7.84 -12.95 -15.35
N ALA A 99 7.90 -13.53 -14.15
CA ALA A 99 7.15 -14.75 -13.88
C ALA A 99 5.65 -14.55 -13.97
N GLY A 100 5.19 -13.34 -14.29
CA GLY A 100 3.78 -13.00 -14.38
C GLY A 100 3.30 -12.02 -13.32
N TRP A 101 3.92 -12.06 -12.14
CA TRP A 101 3.29 -11.54 -10.94
C TRP A 101 2.99 -10.06 -11.01
N GLU A 102 1.70 -9.71 -11.01
CA GLU A 102 1.26 -8.33 -11.10
C GLU A 102 1.11 -7.78 -9.69
N SER A 103 2.08 -6.97 -9.27
CA SER A 103 2.01 -6.24 -8.01
C SER A 103 1.62 -4.81 -8.30
N PHE A 104 0.59 -4.33 -7.60
CA PHE A 104 0.04 -3.00 -7.83
C PHE A 104 0.52 -2.05 -6.74
N CYS A 105 1.35 -1.09 -7.12
CA CYS A 105 1.83 -0.05 -6.22
C CYS A 105 0.92 1.16 -6.38
N ILE A 106 -0.10 1.23 -5.52
CA ILE A 106 -1.08 2.30 -5.59
C ILE A 106 -0.61 3.48 -4.76
N SER A 107 -1.27 4.62 -4.91
CA SER A 107 -0.92 5.84 -4.20
C SER A 107 -2.08 6.29 -3.33
N SER A 108 -1.75 6.93 -2.21
CA SER A 108 -2.74 7.40 -1.26
C SER A 108 -2.89 8.91 -1.24
N GLN A 109 -1.95 9.64 -1.83
CA GLN A 109 -1.99 11.10 -1.81
C GLN A 109 -1.84 11.67 -3.22
N CYS A 110 -1.68 12.99 -3.32
CA CYS A 110 -1.59 13.65 -4.61
C CYS A 110 -0.15 14.11 -4.90
N LEU A 126 1.90 20.44 -1.40
CA LEU A 126 0.91 20.78 -0.38
C LEU A 126 0.13 19.54 0.07
N LYS A 127 0.33 18.44 -0.64
CA LYS A 127 0.00 17.11 -0.13
C LYS A 127 -1.48 16.94 0.18
N LYS A 128 -2.30 16.64 -0.82
CA LYS A 128 -3.70 16.31 -0.60
C LYS A 128 -3.87 14.80 -0.61
N ASN A 129 -4.84 14.32 0.16
CA ASN A 129 -5.09 12.89 0.30
C ASN A 129 -6.29 12.48 -0.53
N LEU A 130 -6.22 11.28 -1.11
CA LEU A 130 -7.30 10.73 -1.90
C LEU A 130 -8.31 10.04 -0.99
N THR A 131 -9.56 10.00 -1.44
CA THR A 131 -10.56 9.21 -0.75
C THR A 131 -10.30 7.72 -0.99
N VAL A 132 -10.94 6.89 -0.18
CA VAL A 132 -10.81 5.45 -0.34
C VAL A 132 -11.29 5.02 -1.72
N ASP A 133 -12.27 5.73 -2.29
CA ASP A 133 -12.69 5.43 -3.66
C ASP A 133 -11.54 5.63 -4.63
N GLU A 134 -10.90 6.80 -4.60
CA GLU A 134 -9.80 7.07 -5.52
C GLU A 134 -8.62 6.13 -5.30
N ILE A 135 -8.53 5.51 -4.12
CA ILE A 135 -7.45 4.57 -3.84
C ILE A 135 -7.80 3.16 -4.29
N THR A 136 -9.02 2.72 -4.01
CA THR A 136 -9.42 1.36 -4.38
C THR A 136 -9.65 1.21 -5.88
N ASP A 137 -10.03 2.30 -6.57
CA ASP A 137 -10.26 2.24 -8.01
C ASP A 137 -8.96 2.10 -8.77
N GLN A 138 -7.86 2.58 -8.19
CA GLN A 138 -6.57 2.31 -8.81
C GLN A 138 -6.37 0.82 -8.99
N VAL A 139 -6.98 0.01 -8.13
CA VAL A 139 -6.93 -1.43 -8.29
C VAL A 139 -8.14 -1.96 -9.06
N LEU A 140 -9.35 -1.48 -8.73
CA LEU A 140 -10.55 -1.94 -9.40
C LEU A 140 -10.49 -1.69 -10.90
N TYR A 141 -9.79 -0.64 -11.32
CA TYR A 141 -9.64 -0.34 -12.74
C TYR A 141 -9.04 -1.52 -13.49
N PHE A 142 -7.87 -1.99 -13.04
CA PHE A 142 -7.19 -3.06 -13.75
C PHE A 142 -7.88 -4.41 -13.56
N HIS A 143 -8.63 -4.58 -12.47
CA HIS A 143 -9.41 -5.79 -12.31
C HIS A 143 -10.50 -5.90 -13.37
N LEU A 144 -11.11 -4.77 -13.73
CA LEU A 144 -12.15 -4.77 -14.76
C LEU A 144 -11.59 -5.04 -16.14
N LEU A 145 -10.31 -4.78 -16.37
CA LEU A 145 -9.71 -5.01 -17.68
C LEU A 145 -9.27 -6.45 -17.89
N GLY A 146 -9.11 -7.22 -16.82
CA GLY A 146 -8.70 -8.60 -16.96
C GLY A 146 -7.53 -8.97 -16.06
N HIS A 147 -6.87 -7.97 -15.48
CA HIS A 147 -5.75 -8.23 -14.60
C HIS A 147 -6.22 -8.87 -13.30
N GLN A 148 -5.48 -9.86 -12.83
CA GLN A 148 -5.72 -10.46 -11.52
C GLN A 148 -4.85 -9.77 -10.48
N ILE A 149 -5.46 -9.34 -9.39
CA ILE A 149 -4.76 -8.60 -8.34
C ILE A 149 -4.08 -9.62 -7.43
N ASP A 150 -2.76 -9.78 -7.59
CA ASP A 150 -2.01 -10.69 -6.74
C ASP A 150 -1.56 -10.03 -5.44
N SER A 151 -1.06 -8.80 -5.52
CA SER A 151 -0.62 -8.08 -4.33
C SER A 151 -0.83 -6.59 -4.53
N ILE A 152 -1.05 -5.89 -3.42
CA ILE A 152 -1.22 -4.44 -3.41
C ILE A 152 -0.22 -3.86 -2.42
N SER A 153 0.44 -2.77 -2.80
CA SER A 153 1.42 -2.11 -1.95
C SER A 153 1.17 -0.61 -1.93
N PHE A 154 1.19 -0.02 -0.74
CA PHE A 154 0.99 1.41 -0.55
C PHE A 154 2.36 2.07 -0.49
N MET A 155 3.00 2.20 -1.67
CA MET A 155 4.35 2.74 -1.76
C MET A 155 4.46 3.80 -2.85
N GLY A 156 3.33 4.35 -3.30
CA GLY A 156 3.34 5.38 -4.32
C GLY A 156 3.54 6.78 -3.79
N MET A 157 2.49 7.61 -3.87
CA MET A 157 2.60 9.01 -3.51
C MET A 157 2.66 9.19 -1.99
N GLY A 158 3.69 9.88 -1.51
CA GLY A 158 3.86 10.22 -0.11
C GLY A 158 4.00 9.01 0.79
N GLU A 159 3.77 9.22 2.08
CA GLU A 159 3.75 8.15 3.06
C GLU A 159 2.30 7.81 3.37
N ALA A 160 1.92 6.56 3.08
CA ALA A 160 0.51 6.15 3.05
C ALA A 160 -0.06 5.82 4.43
N LEU A 161 0.37 6.51 5.48
CA LEU A 161 -0.30 6.43 6.77
C LEU A 161 -0.68 7.79 7.33
N ALA A 162 -0.27 8.88 6.68
CA ALA A 162 -0.84 10.20 6.95
C ALA A 162 -2.25 10.33 6.38
N ASN A 163 -2.77 9.29 5.73
CA ASN A 163 -4.10 9.29 5.15
C ASN A 163 -4.91 8.18 5.83
N ARG A 164 -5.83 8.58 6.72
CA ARG A 164 -6.68 7.61 7.40
C ARG A 164 -7.58 6.85 6.45
N GLN A 165 -7.72 7.30 5.19
CA GLN A 165 -8.53 6.58 4.21
C GLN A 165 -7.91 5.23 3.88
N VAL A 166 -6.59 5.09 4.02
CA VAL A 166 -5.91 3.85 3.69
C VAL A 166 -6.51 2.69 4.48
N PHE A 167 -6.84 2.92 5.75
CA PHE A 167 -7.45 1.87 6.57
C PHE A 167 -8.78 1.44 5.99
N ASP A 168 -9.56 2.39 5.46
CA ASP A 168 -10.79 2.02 4.76
C ASP A 168 -10.50 1.27 3.47
N ALA A 169 -9.40 1.61 2.78
CA ALA A 169 -9.02 0.88 1.58
C ALA A 169 -8.60 -0.55 1.90
N LEU A 170 -7.97 -0.77 3.05
CA LEU A 170 -7.62 -2.12 3.46
C LEU A 170 -8.88 -2.96 3.68
N ASP A 171 -9.91 -2.36 4.30
CA ASP A 171 -11.18 -3.06 4.48
C ASP A 171 -11.82 -3.40 3.14
N VAL A 172 -11.65 -2.54 2.13
CA VAL A 172 -12.22 -2.82 0.82
C VAL A 172 -11.46 -3.95 0.14
N PHE A 173 -10.12 -3.92 0.20
CA PHE A 173 -9.33 -4.93 -0.48
C PHE A 173 -9.51 -6.32 0.15
N THR A 174 -9.69 -6.39 1.46
CA THR A 174 -9.87 -7.66 2.15
C THR A 174 -11.33 -8.06 2.30
N ASP A 175 -12.26 -7.25 1.83
CA ASP A 175 -13.67 -7.58 1.97
C ASP A 175 -13.99 -8.82 1.14
N PRO A 176 -14.57 -9.86 1.74
CA PRO A 176 -14.82 -11.10 1.00
C PRO A 176 -15.82 -10.95 -0.14
N ASN A 177 -16.61 -9.87 -0.15
CA ASN A 177 -17.56 -9.62 -1.22
C ASN A 177 -17.02 -8.67 -2.28
N LEU A 178 -15.83 -8.12 -2.08
CA LEU A 178 -15.24 -7.20 -3.05
C LEU A 178 -14.01 -7.83 -3.69
N PHE A 179 -12.83 -7.28 -3.41
CA PHE A 179 -11.60 -7.82 -4.00
C PHE A 179 -11.26 -9.19 -3.41
N ALA A 180 -11.69 -9.46 -2.19
CA ALA A 180 -11.45 -10.74 -1.52
C ALA A 180 -9.96 -11.08 -1.44
N LEU A 181 -9.12 -10.06 -1.28
CA LEU A 181 -7.70 -10.28 -1.13
C LEU A 181 -7.34 -10.60 0.31
N SER A 182 -6.32 -11.41 0.49
CA SER A 182 -5.80 -11.70 1.81
C SER A 182 -4.96 -10.52 2.31
N PRO A 183 -4.99 -10.25 3.62
CA PRO A 183 -4.12 -9.19 4.16
C PRO A 183 -2.65 -9.46 3.91
N ARG A 184 -2.25 -10.73 3.80
CA ARG A 184 -0.87 -11.07 3.46
C ARG A 184 -0.48 -10.58 2.08
N ARG A 185 -1.44 -10.38 1.18
CA ARG A 185 -1.15 -9.82 -0.14
C ARG A 185 -0.96 -8.30 -0.10
N LEU A 186 -1.29 -7.65 1.02
CA LEU A 186 -1.19 -6.20 1.14
C LEU A 186 0.09 -5.82 1.87
N SER A 187 0.74 -4.76 1.40
CA SER A 187 1.98 -4.27 1.98
C SER A 187 1.91 -2.76 2.12
N ILE A 188 2.35 -2.25 3.27
CA ILE A 188 2.38 -0.82 3.54
C ILE A 188 3.76 -0.46 4.06
N SER A 189 4.35 0.60 3.50
CA SER A 189 5.63 1.13 3.95
C SER A 189 5.38 2.44 4.68
N THR A 190 5.94 2.57 5.87
CA THR A 190 5.69 3.72 6.72
C THR A 190 6.98 4.51 6.95
N ILE A 191 6.79 5.79 7.28
CA ILE A 191 7.91 6.68 7.60
C ILE A 191 8.29 6.61 9.07
N GLY A 192 7.40 6.11 9.92
CA GLY A 192 7.62 6.12 11.36
C GLY A 192 6.54 6.86 12.12
N ILE A 193 5.34 6.92 11.55
CA ILE A 193 4.21 7.52 12.24
C ILE A 193 3.67 6.48 13.24
N ILE A 194 3.97 6.69 14.53
CA ILE A 194 3.64 5.67 15.53
C ILE A 194 2.16 5.45 15.68
N PRO A 195 1.30 6.46 15.90
CA PRO A 195 -0.12 6.17 16.14
C PRO A 195 -0.77 5.40 15.01
N SER A 196 -0.29 5.56 13.77
CA SER A 196 -0.80 4.78 12.66
C SER A 196 -0.29 3.34 12.70
N ILE A 197 0.93 3.13 13.19
CA ILE A 197 1.45 1.78 13.30
C ILE A 197 0.64 0.97 14.30
N LYS A 198 0.30 1.55 15.45
CA LYS A 198 -0.47 0.83 16.44
C LYS A 198 -1.86 0.49 15.94
N LYS A 199 -2.51 1.41 15.24
CA LYS A 199 -3.81 1.12 14.66
C LYS A 199 -3.72 -0.01 13.65
N LEU A 200 -2.66 -0.03 12.86
CA LEU A 200 -2.45 -1.12 11.91
C LEU A 200 -2.00 -2.40 12.60
N THR A 201 -1.46 -2.31 13.81
CA THR A 201 -0.92 -3.48 14.48
C THR A 201 -2.04 -4.43 14.92
N GLN A 202 -3.14 -3.89 15.43
CA GLN A 202 -4.21 -4.69 16.00
C GLN A 202 -5.53 -4.51 15.26
N GLU A 203 -5.47 -4.14 13.99
CA GLU A 203 -6.68 -4.10 13.17
C GLU A 203 -6.42 -4.77 11.83
N TYR A 204 -5.17 -4.73 11.36
CA TYR A 204 -4.75 -5.43 10.15
C TYR A 204 -3.34 -5.98 10.39
N PRO A 205 -3.20 -6.96 11.29
CA PRO A 205 -1.85 -7.42 11.64
C PRO A 205 -1.20 -8.25 10.56
N GLN A 206 -1.97 -8.99 9.76
CA GLN A 206 -1.39 -9.82 8.71
C GLN A 206 -0.91 -8.99 7.52
N VAL A 207 -0.97 -7.68 7.59
CA VAL A 207 -0.47 -6.83 6.51
C VAL A 207 1.04 -6.68 6.65
N ASN A 208 1.76 -6.85 5.56
CA ASN A 208 3.21 -6.72 5.59
C ASN A 208 3.59 -5.26 5.84
N LEU A 209 4.29 -5.02 6.94
CA LEU A 209 4.69 -3.68 7.33
C LEU A 209 6.17 -3.48 7.05
N THR A 210 6.50 -2.36 6.40
CA THR A 210 7.87 -2.02 6.07
C THR A 210 8.20 -0.66 6.69
N PHE A 211 9.32 -0.60 7.39
CA PHE A 211 9.77 0.63 8.03
C PHE A 211 10.93 1.22 7.24
N SER A 212 10.80 2.51 6.89
CA SER A 212 11.83 3.21 6.13
C SER A 212 12.80 3.86 7.10
N LEU A 213 13.97 3.25 7.27
CA LEU A 213 14.98 3.74 8.22
C LEU A 213 15.93 4.71 7.53
N HIS A 214 16.84 4.19 6.70
CA HIS A 214 17.75 4.90 5.81
C HIS A 214 18.93 5.53 6.54
N SER A 215 18.99 5.48 7.86
CA SER A 215 20.18 5.78 8.65
C SER A 215 19.90 5.47 10.12
N PRO A 216 20.73 4.65 10.78
CA PRO A 216 20.49 4.34 12.19
C PRO A 216 20.84 5.48 13.13
N TYR A 217 21.35 6.60 12.62
CA TYR A 217 21.76 7.72 13.47
C TYR A 217 20.58 8.64 13.70
N SER A 218 20.23 8.85 14.97
CA SER A 218 19.05 9.62 15.33
C SER A 218 19.10 11.06 14.81
N GLU A 219 20.29 11.56 14.45
CA GLU A 219 20.38 12.95 14.02
C GLU A 219 20.55 13.10 12.52
N GLU A 220 21.39 12.27 11.90
CA GLU A 220 21.47 12.27 10.43
C GLU A 220 20.13 11.96 9.80
N ARG A 221 19.20 11.37 10.55
CA ARG A 221 17.94 10.93 9.96
C ARG A 221 16.92 12.06 9.87
N SER A 222 16.78 12.90 10.89
CA SER A 222 15.88 14.03 10.78
C SER A 222 16.45 15.12 9.88
N LYS A 223 17.76 15.08 9.61
CA LYS A 223 18.35 15.88 8.55
C LYS A 223 18.01 15.33 7.17
N LEU A 224 17.59 14.07 7.11
CA LEU A 224 17.21 13.39 5.87
C LEU A 224 15.72 13.30 5.67
N MET A 225 14.97 13.03 6.75
CA MET A 225 13.52 12.88 6.70
C MET A 225 12.98 13.58 7.94
N PRO A 226 12.45 14.79 7.79
CA PRO A 226 12.20 15.65 8.97
C PRO A 226 11.19 15.10 9.94
N ILE A 227 10.37 14.13 9.54
CA ILE A 227 9.41 13.52 10.44
C ILE A 227 10.09 12.81 11.61
N ASN A 228 11.38 12.46 11.45
CA ASN A 228 12.14 11.87 12.54
C ASN A 228 12.23 12.79 13.76
N ASP A 229 11.92 14.06 13.60
CA ASP A 229 12.11 15.01 14.70
C ASP A 229 11.05 14.85 15.79
N ARG A 230 9.81 14.54 15.40
CA ARG A 230 8.78 14.28 16.39
C ARG A 230 8.62 12.80 16.70
N TYR A 231 9.01 11.93 15.78
CA TYR A 231 8.89 10.47 15.93
C TYR A 231 10.28 9.87 15.77
N PRO A 232 11.04 9.74 16.87
CA PRO A 232 12.44 9.30 16.75
C PRO A 232 12.55 7.81 16.46
N ILE A 233 13.76 7.41 16.06
CA ILE A 233 14.05 6.01 15.76
C ILE A 233 13.73 5.13 16.95
N ASP A 234 14.11 5.56 18.14
CA ASP A 234 13.96 4.75 19.34
C ASP A 234 12.52 4.29 19.51
N GLU A 235 11.58 5.23 19.45
CA GLU A 235 10.19 4.93 19.79
C GLU A 235 9.40 4.35 18.62
N VAL A 236 9.86 4.53 17.38
CA VAL A 236 9.27 3.77 16.29
C VAL A 236 9.73 2.32 16.36
N MET A 237 11.00 2.09 16.72
CA MET A 237 11.47 0.72 16.89
C MET A 237 10.80 0.05 18.10
N ASN A 238 10.31 0.84 19.05
CA ASN A 238 9.57 0.27 20.17
C ASN A 238 8.17 -0.16 19.75
N ILE A 239 7.49 0.63 18.90
CA ILE A 239 6.15 0.25 18.49
C ILE A 239 6.20 -0.88 17.46
N LEU A 240 7.24 -0.92 16.62
CA LEU A 240 7.44 -2.08 15.76
C LEU A 240 7.73 -3.32 16.58
N ASP A 241 8.34 -3.16 17.76
CA ASP A 241 8.63 -4.29 18.62
C ASP A 241 7.34 -4.93 19.15
N GLU A 242 6.46 -4.11 19.73
CA GLU A 242 5.20 -4.66 20.23
C GLU A 242 4.35 -5.23 19.11
N TYR A 243 4.50 -4.70 17.89
CA TYR A 243 3.96 -5.39 16.73
C TYR A 243 4.51 -6.81 16.65
N ILE A 244 5.84 -6.94 16.59
CA ILE A 244 6.47 -8.25 16.49
C ILE A 244 6.04 -9.16 17.63
N ARG A 245 5.90 -8.62 18.84
CA ARG A 245 5.55 -9.47 19.97
C ARG A 245 4.11 -9.96 19.87
N LYS A 246 3.19 -9.10 19.43
CA LYS A 246 1.78 -9.45 19.47
C LYS A 246 1.30 -10.22 18.25
N THR A 247 1.92 -10.03 17.09
CA THR A 247 1.53 -10.76 15.89
C THR A 247 2.60 -11.73 15.39
N SER A 248 3.79 -11.73 16.00
CA SER A 248 4.89 -12.65 15.65
C SER A 248 5.15 -12.67 14.15
N ARG A 249 5.09 -11.50 13.52
CA ARG A 249 5.33 -11.35 12.09
C ARG A 249 6.58 -10.52 11.86
N LYS A 250 7.06 -10.56 10.61
CA LYS A 250 8.31 -9.92 10.24
C LYS A 250 8.08 -8.47 9.82
N VAL A 251 8.97 -7.59 10.26
CA VAL A 251 8.98 -6.19 9.84
C VAL A 251 10.18 -5.99 8.93
N TYR A 252 9.96 -5.35 7.80
CA TYR A 252 11.01 -5.13 6.81
C TYR A 252 11.63 -3.75 7.02
N ILE A 253 12.96 -3.70 7.03
CA ILE A 253 13.69 -2.45 7.24
C ILE A 253 14.22 -2.01 5.88
N ALA A 254 13.51 -1.09 5.23
CA ALA A 254 13.96 -0.56 3.96
C ALA A 254 15.12 0.42 4.19
N TYR A 255 16.13 0.34 3.34
CA TYR A 255 17.33 1.16 3.47
C TYR A 255 17.81 1.54 2.06
N ILE A 256 17.25 2.63 1.53
CA ILE A 256 17.76 3.19 0.28
C ILE A 256 19.12 3.81 0.56
N MET A 257 20.10 3.47 -0.26
CA MET A 257 21.48 3.88 -0.01
C MET A 257 21.94 4.90 -1.02
N LEU A 258 22.13 6.09 -0.56
CA LEU A 258 22.63 7.24 -1.27
C LEU A 258 24.15 7.21 -1.29
N PRO A 259 24.77 7.36 -2.46
CA PRO A 259 26.22 7.15 -2.56
C PRO A 259 27.01 8.11 -1.68
N GLY A 260 27.97 7.55 -0.95
CA GLY A 260 28.85 8.34 -0.10
C GLY A 260 28.21 8.78 1.20
N VAL A 261 26.89 8.95 1.20
CA VAL A 261 26.20 9.53 2.36
C VAL A 261 26.04 8.49 3.47
N ASN A 262 25.32 7.41 3.19
CA ASN A 262 24.90 6.48 4.24
C ASN A 262 25.30 5.03 3.95
N ASP A 263 26.27 4.80 3.07
CA ASP A 263 26.72 3.46 2.75
C ASP A 263 28.10 3.17 3.32
N SER A 264 28.34 3.58 4.57
CA SER A 264 29.60 3.29 5.21
C SER A 264 29.56 1.89 5.83
N LEU A 265 30.70 1.48 6.40
CA LEU A 265 30.78 0.16 7.02
C LEU A 265 30.14 0.12 8.40
N GLU A 266 30.29 1.21 9.16
CA GLU A 266 29.75 1.29 10.51
C GLU A 266 28.39 1.98 10.56
N HIS A 267 27.95 2.56 9.44
CA HIS A 267 26.51 2.68 9.19
C HIS A 267 25.87 1.30 9.22
N ALA A 268 26.47 0.36 8.49
CA ALA A 268 25.98 -1.01 8.45
C ALA A 268 26.03 -1.64 9.84
N LYS A 269 27.13 -1.46 10.56
CA LYS A 269 27.25 -2.07 11.89
C LYS A 269 26.49 -1.30 12.95
N GLU A 270 26.19 -0.02 12.73
CA GLU A 270 25.26 0.67 13.61
C GLU A 270 23.83 0.20 13.36
N VAL A 271 23.52 -0.18 12.12
CA VAL A 271 22.27 -0.88 11.86
C VAL A 271 22.24 -2.21 12.57
N VAL A 272 23.40 -2.87 12.71
CA VAL A 272 23.47 -4.15 13.38
C VAL A 272 23.08 -4.01 14.85
N SER A 273 23.77 -3.14 15.58
CA SER A 273 23.50 -2.99 17.00
C SER A 273 22.12 -2.39 17.26
N LEU A 274 21.63 -1.55 16.35
CA LEU A 274 20.29 -1.02 16.49
C LEU A 274 19.26 -2.13 16.51
N LEU A 275 19.44 -3.14 15.65
CA LEU A 275 18.52 -4.27 15.62
C LEU A 275 18.80 -5.24 16.75
N LYS A 276 20.08 -5.60 16.95
CA LYS A 276 20.43 -6.57 17.99
C LYS A 276 20.12 -6.08 19.39
N SER A 277 19.85 -4.78 19.58
CA SER A 277 19.40 -4.30 20.87
C SER A 277 17.89 -4.42 21.04
N ARG A 278 17.16 -4.68 19.97
CA ARG A 278 15.70 -4.72 20.01
C ARG A 278 15.20 -6.08 20.50
N TYR A 279 13.88 -6.21 20.50
CA TYR A 279 13.21 -7.44 20.90
C TYR A 279 13.71 -8.62 20.07
N LYS A 280 14.18 -9.66 20.75
CA LYS A 280 14.78 -10.85 20.12
C LYS A 280 16.00 -10.47 19.29
N SER A 281 16.72 -9.43 19.72
CA SER A 281 17.90 -8.91 19.04
C SER A 281 17.66 -8.71 17.54
N GLY A 282 16.53 -8.07 17.23
CA GLY A 282 16.24 -7.63 15.87
C GLY A 282 16.26 -8.74 14.84
N LYS A 283 15.79 -9.92 15.21
CA LYS A 283 15.91 -11.09 14.36
C LYS A 283 14.62 -11.42 13.62
N LEU A 284 13.50 -10.85 14.04
CA LEU A 284 12.26 -10.91 13.27
C LEU A 284 12.14 -9.73 12.31
N TYR A 285 13.22 -8.96 12.15
CA TYR A 285 13.30 -7.94 11.13
C TYR A 285 13.95 -8.50 9.87
N HIS A 286 13.83 -7.76 8.77
CA HIS A 286 14.38 -8.20 7.50
C HIS A 286 14.77 -6.96 6.71
N VAL A 287 16.08 -6.75 6.58
CA VAL A 287 16.61 -5.54 5.96
C VAL A 287 16.64 -5.72 4.45
N ASN A 288 16.12 -4.73 3.72
CA ASN A 288 16.21 -4.69 2.26
C ASN A 288 17.10 -3.51 1.87
N LEU A 289 18.20 -3.81 1.19
CA LEU A 289 19.16 -2.81 0.74
C LEU A 289 18.81 -2.37 -0.67
N ILE A 290 18.21 -1.19 -0.80
CA ILE A 290 17.77 -0.69 -2.11
C ILE A 290 18.97 -0.13 -2.85
N ARG A 291 19.12 -0.50 -4.12
CA ARG A 291 20.23 -0.05 -4.93
C ARG A 291 19.91 1.30 -5.58
N TYR A 292 20.89 1.86 -6.29
CA TYR A 292 20.77 3.21 -6.82
C TYR A 292 21.24 3.27 -8.26
N ASN A 293 20.56 4.11 -9.04
CA ASN A 293 20.86 4.37 -10.45
C ASN A 293 21.16 5.86 -10.60
N PRO A 294 21.56 6.35 -11.79
CA PRO A 294 21.77 7.80 -11.90
C PRO A 294 20.51 8.62 -11.63
N GLU A 304 30.18 9.33 -6.89
CA GLU A 304 30.44 8.09 -6.16
C GLU A 304 29.70 6.91 -6.77
N ALA A 305 30.41 5.80 -6.99
CA ALA A 305 29.80 4.53 -7.34
C ALA A 305 29.48 3.76 -6.06
N ASN A 306 28.55 2.79 -6.17
CA ASN A 306 28.08 2.06 -5.00
C ASN A 306 27.97 0.55 -5.19
N GLU A 307 28.08 0.03 -6.42
CA GLU A 307 27.86 -1.40 -6.65
C GLU A 307 28.84 -2.29 -5.90
N GLY A 308 29.91 -1.72 -5.35
CA GLY A 308 30.88 -2.48 -4.59
C GLY A 308 30.66 -2.45 -3.08
N GLN A 309 30.26 -1.30 -2.54
CA GLN A 309 30.12 -1.18 -1.09
C GLN A 309 28.85 -1.81 -0.56
N VAL A 310 27.75 -1.70 -1.32
CA VAL A 310 26.53 -2.45 -1.00
C VAL A 310 26.85 -3.88 -0.61
N GLU A 311 27.82 -4.51 -1.28
CA GLU A 311 28.16 -5.91 -1.03
C GLU A 311 28.83 -6.09 0.33
N ALA A 312 29.88 -5.30 0.60
CA ALA A 312 30.47 -5.27 1.93
C ALA A 312 29.39 -4.98 2.98
N PHE A 313 28.66 -3.87 2.78
CA PHE A 313 27.51 -3.54 3.61
C PHE A 313 26.59 -4.74 3.81
N TYR A 314 26.30 -5.47 2.74
CA TYR A 314 25.48 -6.67 2.85
C TYR A 314 26.12 -7.68 3.77
N LYS A 315 27.41 -7.96 3.57
CA LYS A 315 28.07 -8.97 4.40
C LYS A 315 28.15 -8.53 5.85
N VAL A 316 28.24 -7.22 6.12
CA VAL A 316 28.39 -6.78 7.50
C VAL A 316 27.13 -7.12 8.30
N LEU A 317 25.96 -6.93 7.71
CA LEU A 317 24.73 -7.37 8.37
C LEU A 317 24.58 -8.89 8.29
N LYS A 318 25.04 -9.50 7.18
CA LYS A 318 24.94 -10.94 7.03
C LYS A 318 25.84 -11.68 8.01
N SER A 319 27.07 -11.22 8.20
CA SER A 319 27.98 -11.81 9.17
C SER A 319 27.42 -11.74 10.58
N ALA A 320 26.64 -10.70 10.87
CA ALA A 320 26.10 -10.46 12.20
C ALA A 320 24.78 -11.19 12.43
N GLY A 321 24.34 -12.02 11.48
CA GLY A 321 23.10 -12.75 11.65
C GLY A 321 21.85 -11.97 11.32
N ILE A 322 21.98 -10.87 10.58
CA ILE A 322 20.83 -10.06 10.18
C ILE A 322 20.27 -10.61 8.87
N ASN A 323 18.99 -10.92 8.87
CA ASN A 323 18.32 -11.33 7.64
C ASN A 323 18.29 -10.14 6.68
N VAL A 324 18.98 -10.28 5.54
CA VAL A 324 19.20 -9.17 4.63
C VAL A 324 19.07 -9.66 3.19
N THR A 325 18.41 -8.86 2.36
CA THR A 325 18.27 -9.13 0.93
C THR A 325 18.62 -7.87 0.15
N ILE A 326 19.34 -8.03 -0.95
CA ILE A 326 19.65 -6.95 -1.85
C ILE A 326 18.58 -6.87 -2.92
N ARG A 327 18.04 -5.67 -3.15
CA ARG A 327 17.01 -5.44 -4.16
C ARG A 327 17.56 -4.43 -5.15
N SER A 328 17.82 -4.89 -6.38
CA SER A 328 18.39 -4.05 -7.44
C SER A 328 17.35 -3.69 -8.50
N GLN A 329 16.08 -3.64 -8.12
CA GLN A 329 15.01 -3.30 -9.06
C GLN A 329 13.77 -2.81 -8.33
#